data_4UOK
#
_entry.id   4UOK
#
_cell.length_a   1.000
_cell.length_b   1.000
_cell.length_c   1.000
_cell.angle_alpha   90.00
_cell.angle_beta   90.00
_cell.angle_gamma   90.00
#
_symmetry.space_group_name_H-M   'P 1'
#
loop_
_entity.id
_entity.type
_entity.pdbx_description
1 polymer 'FAB FRAGMENT HEAVY CHAIN'
2 polymer 'FAB FRAGMENT LIGHT CHAIN'
#
loop_
_entity_poly.entity_id
_entity_poly.type
_entity_poly.pdbx_seq_one_letter_code
_entity_poly.pdbx_strand_id
1 'polypeptide(L)'
;QLVQSGAEVKKPGATVKISCKVSGYTFTDYYINWMQQAPGKGLEWIGRIYPGYGNTKYNDKFKGRVTLTADTSTDTAYME
LSSLRSEDTAVYFCARSLTFFDVWGQGTMVTVSSASTKGPSVFPLAPSSKSTSGGTAALGCLVKDYFPEPVTVSWNSGAL
TSGVHTFPAVLQSSGLYSLSSVVTVPSSSLGTQTYICNVNHKPSNTKVDKRVEPKSCD
;
A
2 'polypeptide(L)'
;DIELTQSPASLAVSLGQRATISCKASQSVDYDGDSYMNWYQQKPGQPPKLLIYAASNLESGIPVRFSGSGSGTDFTLNIH
PVEEEDAATYYCQQSNEDPFTFGSGTKLEIERADAAPTVSIFPPSSEQLTSGGASVVCFLNNFYPKDINVKWKIDGSERQ
NGVLNSWTDQDSKDSTYSMSSTLTLTKDEYERHNSYTCEATHKTSTSPIVKSFNR
;
L
#
# COMPACT_ATOMS: atom_id res chain seq x y z
N GLN A 1 7.70 -24.23 -6.64
CA GLN A 1 6.97 -23.05 -7.13
C GLN A 1 5.44 -23.17 -6.94
N LEU A 2 4.86 -22.05 -6.53
CA LEU A 2 3.40 -21.91 -6.40
C LEU A 2 2.94 -20.73 -7.25
N VAL A 3 2.15 -21.06 -8.27
CA VAL A 3 1.71 -20.06 -9.27
C VAL A 3 0.19 -19.98 -9.24
N GLN A 4 -0.28 -18.77 -8.97
CA GLN A 4 -1.72 -18.50 -8.81
C GLN A 4 -2.30 -17.86 -10.06
N SER A 5 -3.61 -18.02 -10.20
CA SER A 5 -4.41 -17.39 -11.27
C SER A 5 -4.41 -15.86 -11.18
N GLY A 6 -4.82 -15.25 -12.30
CA GLY A 6 -4.83 -13.78 -12.48
C GLY A 6 -5.83 -13.07 -11.56
N ALA A 7 -5.70 -11.75 -11.54
CA ALA A 7 -6.59 -10.85 -10.77
C ALA A 7 -8.06 -11.02 -11.19
N GLU A 8 -8.92 -10.83 -10.20
CA GLU A 8 -10.39 -10.99 -10.34
C GLU A 8 -11.10 -9.70 -9.94
N VAL A 9 -12.19 -9.41 -10.65
CA VAL A 9 -13.10 -8.33 -10.27
C VAL A 9 -14.51 -8.92 -10.19
N LYS A 10 -15.18 -8.67 -9.09
CA LYS A 10 -16.50 -9.24 -8.81
C LYS A 10 -17.45 -8.21 -8.19
N LYS A 11 -18.73 -8.40 -8.52
CA LYS A 11 -19.83 -7.65 -7.90
C LYS A 11 -20.16 -8.26 -6.53
N PRO A 12 -20.69 -7.46 -5.60
CA PRO A 12 -21.18 -7.96 -4.29
C PRO A 12 -22.21 -9.06 -4.54
N GLY A 13 -22.10 -10.13 -3.73
CA GLY A 13 -23.00 -11.29 -3.83
C GLY A 13 -22.44 -12.42 -4.72
N ALA A 14 -21.55 -12.06 -5.65
CA ALA A 14 -20.89 -13.03 -6.54
C ALA A 14 -19.90 -13.93 -5.76
N THR A 15 -19.28 -14.84 -6.50
CA THR A 15 -18.27 -15.78 -5.98
C THR A 15 -17.01 -15.68 -6.83
N VAL A 16 -15.89 -15.99 -6.20
CA VAL A 16 -14.57 -16.05 -6.88
C VAL A 16 -13.90 -17.39 -6.55
N LYS A 17 -13.18 -17.92 -7.54
CA LYS A 17 -12.39 -19.14 -7.36
C LYS A 17 -10.96 -18.92 -7.86
N ILE A 18 -10.03 -18.95 -6.92
CA ILE A 18 -8.60 -18.74 -7.21
C ILE A 18 -7.88 -20.09 -7.25
N SER A 19 -6.93 -20.18 -8.17
CA SER A 19 -6.16 -21.41 -8.40
C SER A 19 -4.70 -21.19 -7.96
N CYS A 20 -4.10 -22.29 -7.54
CA CYS A 20 -2.71 -22.33 -7.06
C CYS A 20 -2.04 -23.61 -7.59
N LYS A 21 -1.35 -23.45 -8.71
CA LYS A 21 -0.64 -24.58 -9.34
C LYS A 21 0.75 -24.69 -8.71
N VAL A 22 1.01 -25.93 -8.34
CA VAL A 22 2.25 -26.28 -7.67
C VAL A 22 3.18 -27.07 -8.59
N SER A 23 4.46 -26.95 -8.28
CA SER A 23 5.52 -27.77 -8.90
C SER A 23 6.79 -27.79 -8.04
N GLY A 24 7.59 -28.83 -8.28
CA GLY A 24 8.90 -28.98 -7.62
C GLY A 24 8.85 -29.81 -6.32
N TYR A 25 7.71 -30.48 -6.10
CA TYR A 25 7.53 -31.39 -4.95
C TYR A 25 6.27 -32.24 -5.16
N THR A 26 6.12 -33.22 -4.27
CA THR A 26 4.94 -34.11 -4.25
C THR A 26 3.76 -33.33 -3.66
N PHE A 27 2.86 -32.94 -4.54
CA PHE A 27 1.71 -32.08 -4.18
C PHE A 27 0.84 -32.63 -3.04
N THR A 28 0.58 -33.94 -3.09
CA THR A 28 -0.26 -34.63 -2.10
C THR A 28 0.37 -34.75 -0.69
N ASP A 29 1.66 -34.45 -0.58
CA ASP A 29 2.42 -34.69 0.66
C ASP A 29 2.27 -33.55 1.70
N TYR A 30 1.86 -32.37 1.25
CA TYR A 30 1.89 -31.20 2.15
C TYR A 30 0.54 -30.49 2.18
N TYR A 31 0.20 -29.97 3.35
CA TYR A 31 -0.96 -29.07 3.51
C TYR A 31 -0.77 -27.81 2.67
N ILE A 32 -1.87 -27.34 2.12
CA ILE A 32 -1.89 -26.04 1.46
C ILE A 32 -2.89 -25.14 2.18
N ASN A 33 -2.35 -24.02 2.58
CA ASN A 33 -3.14 -23.02 3.28
C ASN A 33 -3.34 -21.81 2.37
N TRP A 34 -4.41 -21.09 2.65
CA TRP A 34 -4.60 -19.78 2.06
C TRP A 34 -4.72 -18.69 3.14
N MET A 35 -4.10 -17.58 2.79
CA MET A 35 -3.97 -16.38 3.62
C MET A 35 -4.29 -15.18 2.73
N GLN A 36 -5.09 -14.26 3.24
CA GLN A 36 -5.42 -13.03 2.50
C GLN A 36 -4.93 -11.79 3.24
N GLN A 37 -4.84 -10.70 2.49
CA GLN A 37 -4.34 -9.41 3.00
C GLN A 37 -5.00 -8.25 2.25
N ALA A 38 -5.95 -7.63 2.95
CA ALA A 38 -6.58 -6.39 2.46
C ALA A 38 -5.50 -5.29 2.30
N PRO A 39 -5.69 -4.38 1.34
CA PRO A 39 -4.72 -3.30 1.03
C PRO A 39 -4.34 -2.53 2.30
N GLY A 40 -3.03 -2.57 2.61
CA GLY A 40 -2.45 -1.90 3.79
C GLY A 40 -2.91 -2.45 5.15
N LYS A 41 -3.39 -3.69 5.14
CA LYS A 41 -3.79 -4.41 6.35
C LYS A 41 -2.93 -5.67 6.55
N GLY A 42 -3.07 -6.28 7.73
CA GLY A 42 -2.29 -7.48 8.11
C GLY A 42 -2.69 -8.73 7.31
N LEU A 43 -2.18 -9.84 7.80
CA LEU A 43 -2.43 -11.18 7.21
C LEU A 43 -3.56 -11.90 7.97
N GLU A 44 -4.40 -12.57 7.20
CA GLU A 44 -5.58 -13.30 7.75
C GLU A 44 -5.73 -14.70 7.16
N TRP A 45 -5.50 -15.69 8.02
CA TRP A 45 -5.61 -17.11 7.63
C TRP A 45 -7.06 -17.43 7.30
N ILE A 46 -7.24 -18.22 6.24
CA ILE A 46 -8.60 -18.55 5.80
C ILE A 46 -8.95 -20.03 6.01
N GLY A 47 -7.97 -20.90 5.76
CA GLY A 47 -8.20 -22.35 5.84
C GLY A 47 -7.06 -23.15 5.21
N ARG A 48 -7.09 -24.45 5.47
CA ARG A 48 -6.14 -25.39 4.84
C ARG A 48 -6.89 -26.56 4.20
N ILE A 49 -6.24 -27.15 3.22
CA ILE A 49 -6.69 -28.43 2.64
C ILE A 49 -5.51 -29.42 2.63
N TYR A 50 -5.87 -30.66 2.92
CA TYR A 50 -4.96 -31.80 2.83
C TYR A 50 -5.13 -32.38 1.41
N PRO A 51 -4.24 -32.05 0.48
CA PRO A 51 -4.32 -32.45 -0.95
C PRO A 51 -4.47 -33.96 -1.16
N GLY A 52 -3.97 -34.74 -0.19
CA GLY A 52 -4.01 -36.22 -0.24
C GLY A 52 -5.44 -36.78 -0.09
N TYR A 53 -6.13 -36.27 0.91
CA TYR A 53 -7.49 -36.73 1.30
C TYR A 53 -8.61 -35.80 0.82
N GLY A 54 -8.24 -34.53 0.62
CA GLY A 54 -9.17 -33.45 0.28
C GLY A 54 -9.91 -32.91 1.51
N ASN A 55 -9.49 -33.35 2.70
CA ASN A 55 -10.02 -32.86 3.97
C ASN A 55 -9.59 -31.40 4.16
N THR A 56 -10.50 -30.61 4.71
CA THR A 56 -10.32 -29.17 4.89
C THR A 56 -10.65 -28.72 6.32
N LYS A 57 -10.18 -27.53 6.64
CA LYS A 57 -10.52 -26.81 7.88
C LYS A 57 -10.45 -25.32 7.58
N TYR A 58 -11.52 -24.61 7.94
CA TYR A 58 -11.66 -23.18 7.63
C TYR A 58 -11.70 -22.35 8.91
N ASN A 59 -11.23 -21.10 8.79
CA ASN A 59 -11.39 -20.11 9.87
C ASN A 59 -12.89 -19.89 10.07
N ASP A 60 -13.29 -19.67 11.32
CA ASP A 60 -14.71 -19.46 11.67
C ASP A 60 -15.35 -18.29 10.91
N LYS A 61 -14.54 -17.28 10.62
CA LYS A 61 -14.96 -16.09 9.86
C LYS A 61 -15.52 -16.43 8.47
N PHE A 62 -15.01 -17.52 7.89
CA PHE A 62 -15.39 -17.92 6.52
C PHE A 62 -16.18 -19.23 6.43
N LYS A 63 -16.34 -19.93 7.54
CA LYS A 63 -17.10 -21.21 7.57
C LYS A 63 -18.49 -21.02 6.96
N GLY A 64 -18.79 -21.92 6.02
CA GLY A 64 -20.06 -21.88 5.25
C GLY A 64 -19.99 -20.95 4.03
N ARG A 65 -18.90 -20.20 3.89
CA ARG A 65 -18.72 -19.22 2.81
C ARG A 65 -17.51 -19.53 1.89
N VAL A 66 -16.56 -20.31 2.40
CA VAL A 66 -15.37 -20.71 1.63
C VAL A 66 -15.36 -22.23 1.41
N THR A 67 -14.92 -22.60 0.22
CA THR A 67 -14.68 -24.01 -0.13
C THR A 67 -13.27 -24.13 -0.73
N LEU A 68 -12.50 -25.04 -0.14
CA LEU A 68 -11.18 -25.41 -0.68
C LEU A 68 -11.24 -26.81 -1.27
N THR A 69 -10.67 -26.90 -2.46
CA THR A 69 -10.62 -28.16 -3.24
C THR A 69 -9.26 -28.29 -3.91
N ALA A 70 -9.05 -29.40 -4.60
CA ALA A 70 -7.79 -29.66 -5.32
C ALA A 70 -7.98 -30.73 -6.41
N ASP A 71 -7.18 -30.58 -7.45
CA ASP A 71 -7.05 -31.57 -8.53
C ASP A 71 -5.62 -32.08 -8.51
N THR A 72 -5.41 -33.19 -7.80
CA THR A 72 -4.09 -33.85 -7.71
C THR A 72 -3.53 -34.22 -9.09
N SER A 73 -4.44 -34.42 -10.05
CA SER A 73 -4.10 -34.74 -11.45
C SER A 73 -3.22 -33.65 -12.10
N THR A 74 -3.44 -32.40 -11.68
CA THR A 74 -2.70 -31.25 -12.21
C THR A 74 -2.02 -30.44 -11.10
N ASP A 75 -1.89 -31.04 -9.92
CA ASP A 75 -1.21 -30.43 -8.76
C ASP A 75 -1.73 -29.00 -8.47
N THR A 76 -3.04 -28.82 -8.55
CA THR A 76 -3.62 -27.47 -8.35
C THR A 76 -4.61 -27.51 -7.18
N ALA A 77 -4.49 -26.49 -6.34
CA ALA A 77 -5.43 -26.24 -5.23
C ALA A 77 -6.27 -25.01 -5.54
N TYR A 78 -7.49 -24.99 -5.00
CA TYR A 78 -8.45 -23.91 -5.27
C TYR A 78 -9.07 -23.39 -3.98
N MET A 79 -9.32 -22.09 -3.98
CA MET A 79 -10.07 -21.40 -2.93
C MET A 79 -11.25 -20.66 -3.59
N GLU A 80 -12.45 -21.07 -3.19
CA GLU A 80 -13.66 -20.40 -3.67
C GLU A 80 -14.37 -19.72 -2.50
N LEU A 81 -14.56 -18.42 -2.67
CA LEU A 81 -15.23 -17.57 -1.69
C LEU A 81 -16.52 -17.02 -2.31
N SER A 82 -17.61 -17.26 -1.59
CA SER A 82 -18.97 -16.93 -2.06
C SER A 82 -19.57 -15.77 -1.27
N SER A 83 -20.69 -15.23 -1.76
CA SER A 83 -21.41 -14.11 -1.12
C SER A 83 -20.44 -12.95 -0.86
N LEU A 84 -19.70 -12.59 -1.92
CA LEU A 84 -18.64 -11.59 -1.82
C LEU A 84 -19.18 -10.23 -1.39
N ARG A 85 -18.38 -9.57 -0.56
CA ARG A 85 -18.65 -8.23 -0.04
C ARG A 85 -17.41 -7.38 -0.27
N SER A 86 -17.57 -6.06 -0.33
CA SER A 86 -16.44 -5.13 -0.57
C SER A 86 -15.26 -5.33 0.40
N GLU A 87 -15.56 -5.78 1.62
CA GLU A 87 -14.55 -6.13 2.64
C GLU A 87 -13.64 -7.30 2.23
N ASP A 88 -14.09 -8.07 1.23
CA ASP A 88 -13.32 -9.20 0.67
C ASP A 88 -12.21 -8.77 -0.30
N THR A 89 -12.23 -7.50 -0.72
CA THR A 89 -11.13 -6.94 -1.54
C THR A 89 -9.81 -7.12 -0.78
N ALA A 90 -8.92 -7.87 -1.42
CA ALA A 90 -7.63 -8.28 -0.82
C ALA A 90 -6.83 -9.14 -1.80
N VAL A 91 -5.53 -9.20 -1.53
CA VAL A 91 -4.65 -10.17 -2.19
C VAL A 91 -4.78 -11.51 -1.45
N TYR A 92 -5.03 -12.55 -2.22
CA TYR A 92 -5.16 -13.91 -1.69
C TYR A 92 -3.95 -14.74 -2.09
N PHE A 93 -3.38 -15.40 -1.10
CA PHE A 93 -2.18 -16.24 -1.29
C PHE A 93 -2.45 -17.68 -0.85
N CYS A 94 -1.87 -18.59 -1.61
CA CYS A 94 -1.71 -19.98 -1.15
C CYS A 94 -0.27 -20.14 -0.61
N ALA A 95 -0.16 -20.91 0.46
CA ALA A 95 1.13 -21.19 1.12
C ALA A 95 1.18 -22.66 1.55
N ARG A 96 2.26 -23.32 1.17
CA ARG A 96 2.45 -24.73 1.54
C ARG A 96 3.04 -24.82 2.95
N SER A 97 2.24 -25.45 3.81
CA SER A 97 2.56 -25.73 5.22
C SER A 97 2.88 -24.45 5.98
N LEU A 98 1.98 -23.48 5.95
CA LEU A 98 2.23 -22.15 6.57
C LEU A 98 2.70 -22.25 8.04
N THR A 99 2.12 -23.19 8.78
CA THR A 99 2.49 -23.48 10.19
C THR A 99 3.95 -23.97 10.33
N PHE A 100 4.34 -24.86 9.43
CA PHE A 100 5.69 -25.39 9.31
C PHE A 100 6.28 -24.76 8.04
N PHE A 101 6.10 -23.44 7.93
CA PHE A 101 6.60 -22.62 6.80
C PHE A 101 5.91 -22.97 5.46
N ASP A 102 6.09 -22.12 4.45
CA ASP A 102 7.42 -21.93 3.84
C ASP A 102 7.40 -21.23 2.51
N VAL A 103 6.53 -21.77 1.67
CA VAL A 103 6.46 -21.33 0.28
C VAL A 103 5.10 -20.70 0.04
N TRP A 104 5.18 -19.59 -0.65
CA TRP A 104 4.00 -18.77 -0.96
C TRP A 104 3.85 -18.58 -2.47
N GLY A 105 2.59 -18.55 -2.89
CA GLY A 105 2.22 -18.10 -4.25
C GLY A 105 2.56 -16.61 -4.40
N GLN A 106 2.40 -16.08 -5.62
CA GLN A 106 2.67 -14.65 -5.85
C GLN A 106 1.53 -13.74 -5.36
N GLY A 107 0.35 -14.36 -5.18
CA GLY A 107 -0.87 -13.67 -4.73
C GLY A 107 -1.79 -13.32 -5.90
N THR A 108 -3.07 -13.25 -5.56
CA THR A 108 -4.14 -12.94 -6.52
C THR A 108 -5.00 -11.83 -5.92
N MET A 109 -4.96 -10.68 -6.58
CA MET A 109 -5.83 -9.54 -6.21
C MET A 109 -7.28 -9.82 -6.65
N VAL A 110 -8.17 -9.76 -5.67
CA VAL A 110 -9.61 -9.84 -5.92
C VAL A 110 -10.23 -8.53 -5.43
N THR A 111 -10.89 -7.85 -6.34
CA THR A 111 -11.60 -6.59 -6.02
C THR A 111 -13.11 -6.85 -6.13
N VAL A 112 -13.79 -6.56 -5.03
CA VAL A 112 -15.25 -6.70 -4.94
C VAL A 112 -15.85 -5.31 -4.76
N SER A 113 -16.74 -4.96 -5.68
CA SER A 113 -17.37 -3.62 -5.72
C SER A 113 -18.52 -3.61 -6.74
N SER A 114 -19.51 -2.80 -6.42
CA SER A 114 -20.63 -2.51 -7.35
C SER A 114 -20.19 -1.70 -8.58
N ALA A 115 -19.03 -1.05 -8.47
CA ALA A 115 -18.39 -0.31 -9.58
C ALA A 115 -18.06 -1.26 -10.74
N SER A 116 -17.98 -0.67 -11.93
CA SER A 116 -17.64 -1.40 -13.17
C SER A 116 -16.29 -0.90 -13.68
N THR A 117 -15.59 -1.77 -14.41
CA THR A 117 -14.26 -1.45 -14.99
C THR A 117 -14.36 -0.18 -15.82
N LYS A 118 -13.37 0.68 -15.62
CA LYS A 118 -13.30 2.01 -16.26
C LYS A 118 -11.86 2.51 -16.29
N GLY A 119 -11.50 3.03 -17.47
CA GLY A 119 -10.23 3.71 -17.71
C GLY A 119 -10.19 5.08 -17.00
N PRO A 120 -9.00 5.52 -16.58
CA PRO A 120 -8.83 6.81 -15.88
C PRO A 120 -8.85 7.99 -16.86
N SER A 121 -9.31 9.12 -16.34
CA SER A 121 -9.03 10.43 -16.94
C SER A 121 -7.68 10.89 -16.42
N VAL A 122 -6.87 11.46 -17.32
CA VAL A 122 -5.49 11.88 -16.96
C VAL A 122 -5.40 13.39 -17.15
N PHE A 123 -5.34 14.07 -16.02
CA PHE A 123 -5.23 15.54 -16.00
C PHE A 123 -3.80 15.96 -15.63
N PRO A 124 -3.29 17.00 -16.27
CA PRO A 124 -1.97 17.57 -15.96
C PRO A 124 -2.02 18.33 -14.63
N LEU A 125 -0.93 18.21 -13.89
CA LEU A 125 -0.66 19.02 -12.70
C LEU A 125 0.47 19.97 -13.08
N ALA A 126 0.05 21.11 -13.64
CA ALA A 126 0.95 22.08 -14.27
C ALA A 126 2.13 22.44 -13.35
N PRO A 127 3.32 22.65 -13.95
CA PRO A 127 4.54 23.03 -13.23
C PRO A 127 4.25 24.18 -12.27
N SER A 128 4.72 24.02 -11.04
CA SER A 128 4.42 24.94 -9.93
C SER A 128 4.89 26.35 -10.24
N SER A 129 3.99 27.31 -10.04
CA SER A 129 4.30 28.74 -10.18
C SER A 129 5.30 29.17 -9.10
N LYS A 130 6.32 29.89 -9.55
CA LYS A 130 7.40 30.38 -8.67
C LYS A 130 7.34 31.92 -8.56
N SER A 131 6.89 32.39 -7.41
CA SER A 131 6.78 33.84 -7.14
C SER A 131 8.13 34.56 -7.29
N THR A 132 9.17 33.86 -6.87
CA THR A 132 10.57 34.34 -6.98
C THR A 132 11.37 33.40 -7.89
N SER A 133 12.33 33.98 -8.60
CA SER A 133 13.21 33.25 -9.52
C SER A 133 14.04 32.16 -8.83
N GLY A 134 14.32 31.13 -9.63
CA GLY A 134 15.25 30.04 -9.28
C GLY A 134 14.74 29.17 -8.12
N GLY A 135 14.53 27.90 -8.48
CA GLY A 135 14.28 26.86 -7.45
C GLY A 135 13.99 25.51 -8.08
N THR A 136 13.15 24.80 -7.36
CA THR A 136 12.61 23.49 -7.76
C THR A 136 11.13 23.71 -8.07
N ALA A 137 10.69 23.08 -9.15
CA ALA A 137 9.27 23.04 -9.53
C ALA A 137 8.78 21.59 -9.45
N ALA A 138 7.49 21.48 -9.15
CA ALA A 138 6.80 20.18 -9.13
C ALA A 138 5.73 20.20 -10.21
N LEU A 139 5.59 19.05 -10.83
CA LEU A 139 4.59 18.80 -11.89
C LEU A 139 4.21 17.33 -11.81
N GLY A 140 3.07 17.01 -12.39
CA GLY A 140 2.62 15.61 -12.42
C GLY A 140 1.35 15.40 -13.22
N CYS A 141 0.75 14.25 -12.98
CA CYS A 141 -0.52 13.85 -13.58
C CYS A 141 -1.46 13.31 -12.50
N LEU A 142 -2.70 13.77 -12.59
CA LEU A 142 -3.81 13.26 -11.78
C LEU A 142 -4.56 12.19 -12.60
N VAL A 143 -4.42 10.97 -12.13
CA VAL A 143 -5.02 9.78 -12.77
C VAL A 143 -6.28 9.42 -11.98
N LYS A 144 -7.39 9.95 -12.46
CA LYS A 144 -8.64 9.98 -11.69
C LYS A 144 -9.74 9.09 -12.28
N ASP A 145 -10.55 8.59 -11.37
CA ASP A 145 -11.80 7.85 -11.66
C ASP A 145 -11.61 6.58 -12.51
N TYR A 146 -10.75 5.69 -12.04
CA TYR A 146 -10.56 4.40 -12.71
C TYR A 146 -10.93 3.25 -11.76
N PHE A 147 -11.11 2.09 -12.36
CA PHE A 147 -11.45 0.85 -11.64
C PHE A 147 -11.20 -0.36 -12.54
N PRO A 148 -10.62 -1.42 -11.96
CA PRO A 148 -10.10 -1.44 -10.58
C PRO A 148 -8.61 -1.05 -10.57
N GLU A 149 -7.96 -1.25 -9.44
CA GLU A 149 -6.49 -1.32 -9.39
C GLU A 149 -6.00 -2.47 -10.31
N PRO A 150 -4.76 -2.39 -10.80
CA PRO A 150 -3.84 -1.25 -10.61
C PRO A 150 -3.67 -0.45 -11.90
N VAL A 151 -2.93 0.64 -11.76
CA VAL A 151 -2.41 1.41 -12.90
C VAL A 151 -0.90 1.54 -12.74
N THR A 152 -0.22 1.74 -13.85
CA THR A 152 1.23 2.01 -13.84
C THR A 152 1.51 3.35 -14.52
N VAL A 153 2.42 4.10 -13.92
CA VAL A 153 2.82 5.42 -14.45
C VAL A 153 4.34 5.46 -14.58
N SER A 154 4.78 5.92 -15.74
CA SER A 154 6.18 6.28 -16.01
C SER A 154 6.24 7.70 -16.58
N TRP A 155 7.43 8.29 -16.53
CA TRP A 155 7.64 9.64 -17.09
C TRP A 155 8.71 9.59 -18.18
N ASN A 156 8.37 10.20 -19.31
CA ASN A 156 9.22 10.24 -20.51
C ASN A 156 9.64 8.83 -20.98
N SER A 157 8.68 7.92 -20.93
CA SER A 157 8.84 6.51 -21.33
C SER A 157 9.89 5.77 -20.49
N GLY A 158 9.98 6.16 -19.21
CA GLY A 158 10.92 5.58 -18.24
C GLY A 158 12.31 6.24 -18.22
N ALA A 159 12.48 7.29 -19.04
CA ALA A 159 13.74 8.06 -19.11
C ALA A 159 13.93 8.96 -17.88
N LEU A 160 12.82 9.37 -17.28
CA LEU A 160 12.81 10.24 -16.10
C LEU A 160 12.33 9.48 -14.85
N THR A 161 13.31 9.19 -13.99
CA THR A 161 13.07 8.39 -12.78
C THR A 161 13.37 9.15 -11.47
N SER A 162 14.36 10.02 -11.53
CA SER A 162 14.79 10.85 -10.37
C SER A 162 13.67 11.81 -9.93
N GLY A 163 13.33 11.69 -8.65
CA GLY A 163 12.34 12.56 -7.98
C GLY A 163 10.88 12.29 -8.37
N VAL A 164 10.63 11.12 -8.94
CA VAL A 164 9.26 10.66 -9.26
C VAL A 164 8.65 9.98 -8.01
N HIS A 165 7.43 10.40 -7.72
CA HIS A 165 6.55 9.75 -6.73
C HIS A 165 5.16 9.47 -7.30
N THR A 166 4.88 8.18 -7.49
CA THR A 166 3.53 7.70 -7.87
C THR A 166 2.88 7.15 -6.60
N PHE A 167 1.91 7.93 -6.12
CA PHE A 167 1.23 7.66 -4.85
C PHE A 167 0.26 6.46 -4.91
N PRO A 168 0.07 5.81 -3.75
CA PRO A 168 -1.00 4.82 -3.55
C PRO A 168 -2.33 5.51 -3.85
N ALA A 169 -3.13 4.88 -4.69
CA ALA A 169 -4.47 5.38 -5.03
C ALA A 169 -5.36 5.43 -3.78
N VAL A 170 -6.30 6.36 -3.81
CA VAL A 170 -7.35 6.45 -2.80
C VAL A 170 -8.68 5.99 -3.43
N LEU A 171 -9.48 5.35 -2.60
CA LEU A 171 -10.82 4.90 -3.02
C LEU A 171 -11.86 5.96 -2.65
N GLN A 172 -12.29 6.66 -3.68
CA GLN A 172 -13.26 7.76 -3.54
C GLN A 172 -14.62 7.20 -3.12
N SER A 173 -15.44 8.05 -2.52
CA SER A 173 -16.80 7.66 -2.08
C SER A 173 -17.67 7.15 -3.25
N SER A 174 -17.31 7.56 -4.46
CA SER A 174 -17.96 7.13 -5.71
C SER A 174 -17.73 5.64 -6.02
N GLY A 175 -16.64 5.08 -5.49
CA GLY A 175 -16.26 3.67 -5.76
C GLY A 175 -15.11 3.57 -6.78
N LEU A 176 -14.70 4.71 -7.33
CA LEU A 176 -13.60 4.80 -8.28
C LEU A 176 -12.32 5.22 -7.56
N TYR A 177 -11.19 4.81 -8.12
CA TYR A 177 -9.87 5.15 -7.58
C TYR A 177 -9.31 6.40 -8.26
N SER A 178 -8.47 7.10 -7.50
CA SER A 178 -7.71 8.25 -8.01
C SER A 178 -6.33 8.26 -7.36
N LEU A 179 -5.34 8.59 -8.17
CA LEU A 179 -3.96 8.75 -7.69
C LEU A 179 -3.30 9.94 -8.40
N SER A 180 -2.22 10.41 -7.79
CA SER A 180 -1.33 11.40 -8.40
C SER A 180 0.07 10.83 -8.56
N SER A 181 0.69 11.21 -9.67
CA SER A 181 2.11 10.91 -9.93
C SER A 181 2.83 12.22 -10.21
N VAL A 182 3.75 12.54 -9.32
CA VAL A 182 4.49 13.82 -9.36
C VAL A 182 5.99 13.57 -9.58
N VAL A 183 6.64 14.62 -10.05
CA VAL A 183 8.10 14.68 -10.17
C VAL A 183 8.55 16.11 -9.84
N THR A 184 9.64 16.19 -9.11
CA THR A 184 10.30 17.48 -8.84
C THR A 184 11.50 17.63 -9.78
N VAL A 185 11.55 18.81 -10.37
CA VAL A 185 12.55 19.14 -11.40
C VAL A 185 13.09 20.56 -11.16
N PRO A 186 14.29 20.87 -11.66
CA PRO A 186 14.82 22.25 -11.63
C PRO A 186 13.85 23.15 -12.42
N SER A 187 13.56 24.32 -11.87
CA SER A 187 12.68 25.29 -12.57
C SER A 187 13.22 25.71 -13.94
N SER A 188 14.55 25.79 -14.02
CA SER A 188 15.27 26.19 -15.26
C SER A 188 15.04 25.26 -16.46
N SER A 189 14.61 24.02 -16.20
CA SER A 189 14.40 23.02 -17.26
C SER A 189 13.02 23.11 -17.93
N LEU A 190 12.11 23.87 -17.34
CA LEU A 190 10.71 23.98 -17.81
C LEU A 190 10.57 24.58 -19.22
N GLY A 191 11.51 25.47 -19.54
CA GLY A 191 11.56 26.15 -20.85
C GLY A 191 11.95 25.22 -22.01
N THR A 192 12.68 24.16 -21.69
CA THR A 192 13.38 23.35 -22.71
C THR A 192 13.05 21.85 -22.70
N GLN A 193 12.74 21.33 -21.51
CA GLN A 193 12.50 19.90 -21.31
C GLN A 193 11.00 19.61 -21.44
N THR A 194 10.71 18.59 -22.22
CA THR A 194 9.34 18.05 -22.36
C THR A 194 9.11 17.01 -21.26
N TYR A 195 7.93 17.09 -20.67
CA TYR A 195 7.48 16.13 -19.64
C TYR A 195 6.15 15.48 -20.04
N ILE A 196 6.21 14.16 -20.17
CA ILE A 196 5.03 13.35 -20.52
C ILE A 196 4.92 12.22 -19.47
N CYS A 197 3.73 12.08 -18.90
CA CYS A 197 3.41 10.92 -18.06
C CYS A 197 2.73 9.85 -18.91
N ASN A 198 3.19 8.62 -18.72
CA ASN A 198 2.73 7.46 -19.50
C ASN A 198 1.92 6.57 -18.56
N VAL A 199 0.62 6.59 -18.78
CA VAL A 199 -0.35 5.88 -17.91
C VAL A 199 -0.87 4.64 -18.65
N ASN A 200 -0.85 3.54 -17.92
CA ASN A 200 -1.34 2.25 -18.43
C ASN A 200 -2.22 1.56 -17.39
N HIS A 201 -3.48 1.41 -17.78
CA HIS A 201 -4.50 0.71 -16.98
C HIS A 201 -4.92 -0.53 -17.77
N LYS A 202 -4.15 -1.60 -17.55
CA LYS A 202 -4.34 -2.88 -18.27
C LYS A 202 -5.75 -3.50 -18.11
N PRO A 203 -6.41 -3.39 -16.94
CA PRO A 203 -7.80 -3.86 -16.73
C PRO A 203 -8.80 -3.32 -17.75
N SER A 204 -8.55 -2.11 -18.27
CA SER A 204 -9.40 -1.53 -19.33
C SER A 204 -8.67 -1.38 -20.68
N ASN A 205 -7.46 -1.94 -20.76
CA ASN A 205 -6.58 -1.86 -21.94
C ASN A 205 -6.41 -0.40 -22.42
N THR A 206 -6.34 0.50 -21.45
CA THR A 206 -6.23 1.95 -21.69
C THR A 206 -4.77 2.35 -21.51
N LYS A 207 -4.29 3.13 -22.47
CA LYS A 207 -2.93 3.69 -22.44
C LYS A 207 -2.98 5.17 -22.88
N VAL A 208 -2.45 6.02 -22.02
CA VAL A 208 -2.45 7.48 -22.26
C VAL A 208 -1.05 8.05 -22.02
N ASP A 209 -0.62 8.87 -22.97
CA ASP A 209 0.60 9.69 -22.86
C ASP A 209 0.19 11.17 -22.84
N LYS A 210 0.35 11.77 -21.67
CA LYS A 210 -0.11 13.15 -21.42
C LYS A 210 1.07 14.10 -21.27
N ARG A 211 1.11 15.10 -22.14
CA ARG A 211 2.11 16.17 -22.05
C ARG A 211 1.70 17.15 -20.94
N VAL A 212 2.66 17.41 -20.06
CA VAL A 212 2.49 18.30 -18.90
C VAL A 212 3.37 19.52 -19.15
N GLU A 213 2.69 20.60 -19.53
CA GLU A 213 3.37 21.83 -19.94
C GLU A 213 3.10 22.96 -18.95
N PRO A 214 4.02 23.95 -18.91
CA PRO A 214 3.83 25.18 -18.12
C PRO A 214 2.51 25.83 -18.55
N LYS A 215 1.85 26.49 -17.61
CA LYS A 215 0.63 27.27 -17.91
C LYS A 215 0.97 28.31 -18.99
N SER A 216 -0.02 28.71 -19.77
CA SER A 216 0.20 29.68 -20.88
C SER A 216 0.84 30.99 -20.39
N CYS A 217 0.45 31.41 -19.19
CA CYS A 217 1.02 32.59 -18.53
C CYS A 217 2.50 32.41 -18.11
N ASP A 218 2.94 31.16 -18.08
CA ASP A 218 4.34 30.79 -17.77
C ASP A 218 5.16 30.44 -19.04
N ASP B 1 -9.67 -21.50 20.73
CA ASP B 1 -8.65 -20.88 19.86
C ASP B 1 -7.56 -20.19 20.70
N ILE B 2 -6.30 -20.45 20.36
CA ILE B 2 -5.16 -19.77 21.01
C ILE B 2 -5.15 -18.31 20.53
N GLU B 3 -5.11 -17.41 21.50
CA GLU B 3 -5.02 -15.97 21.23
C GLU B 3 -3.56 -15.52 21.37
N LEU B 4 -3.13 -14.79 20.35
CA LEU B 4 -1.79 -14.22 20.32
C LEU B 4 -1.85 -12.71 20.57
N THR B 5 -1.17 -12.32 21.63
CA THR B 5 -1.19 -10.92 22.10
C THR B 5 0.18 -10.27 21.88
N GLN B 6 0.25 -9.44 20.86
CA GLN B 6 1.46 -8.69 20.52
C GLN B 6 1.42 -7.28 21.12
N SER B 7 2.60 -6.83 21.51
CA SER B 7 2.81 -5.50 22.10
C SER B 7 4.27 -5.05 21.94
N PRO B 8 4.45 -3.75 21.71
CA PRO B 8 3.39 -2.74 21.54
C PRO B 8 2.77 -2.82 20.14
N ALA B 9 1.63 -2.17 19.98
CA ALA B 9 0.96 -2.08 18.65
C ALA B 9 1.85 -1.40 17.59
N SER B 10 2.73 -0.51 18.05
CA SER B 10 3.67 0.23 17.19
C SER B 10 4.91 0.67 17.97
N LEU B 11 6.01 0.64 17.24
CA LEU B 11 7.32 1.09 17.74
C LEU B 11 7.90 2.19 16.86
N ALA B 12 8.60 3.11 17.51
CA ALA B 12 9.26 4.23 16.84
C ALA B 12 10.65 4.48 17.42
N VAL B 13 11.65 4.03 16.68
CA VAL B 13 13.06 4.14 17.10
C VAL B 13 13.90 4.79 15.99
N SER B 14 15.06 5.31 16.36
CA SER B 14 16.03 5.86 15.38
C SER B 14 16.89 4.73 14.80
N LEU B 15 17.40 4.97 13.59
CA LEU B 15 18.27 3.99 12.91
C LEU B 15 19.49 3.71 13.80
N GLY B 16 19.84 2.42 13.87
CA GLY B 16 20.99 1.97 14.67
C GLY B 16 20.60 1.43 16.05
N GLN B 17 19.48 1.92 16.58
CA GLN B 17 18.97 1.48 17.89
C GLN B 17 18.36 0.08 17.81
N ARG B 18 18.40 -0.61 18.95
CA ARG B 18 17.80 -1.94 19.10
C ARG B 18 16.33 -1.83 19.52
N ALA B 19 15.53 -2.74 19.00
CA ALA B 19 14.09 -2.82 19.30
C ALA B 19 13.69 -4.25 19.67
N THR B 20 12.75 -4.35 20.61
CA THR B 20 12.20 -5.64 21.07
C THR B 20 10.67 -5.54 21.08
N ILE B 21 10.05 -6.58 20.54
CA ILE B 21 8.58 -6.72 20.51
C ILE B 21 8.20 -8.04 21.18
N SER B 22 7.04 -8.01 21.80
CA SER B 22 6.56 -9.18 22.57
C SER B 22 5.31 -9.79 21.95
N CYS B 23 5.27 -11.11 22.06
CA CYS B 23 4.15 -11.95 21.62
C CYS B 23 3.87 -13.00 22.70
N LYS B 24 2.68 -12.88 23.28
CA LYS B 24 2.22 -13.81 24.32
C LYS B 24 1.06 -14.65 23.82
N ALA B 25 1.23 -15.96 24.00
CA ALA B 25 0.21 -16.95 23.63
C ALA B 25 -0.65 -17.27 24.86
N SER B 26 -1.93 -17.51 24.60
CA SER B 26 -2.91 -17.86 25.67
C SER B 26 -2.66 -19.19 26.38
N GLN B 27 -1.77 -19.98 25.79
CA GLN B 27 -1.34 -21.28 26.34
C GLN B 27 -0.03 -21.69 25.66
N SER B 28 0.71 -22.54 26.37
CA SER B 28 2.03 -23.04 25.89
C SER B 28 1.90 -23.62 24.46
N VAL B 29 2.90 -23.28 23.66
CA VAL B 29 3.00 -23.76 22.27
C VAL B 29 4.15 -24.79 22.11
N ASP B 30 4.64 -25.26 23.25
CA ASP B 30 5.73 -26.23 23.27
C ASP B 30 5.17 -27.62 22.92
N TYR B 31 5.79 -28.21 21.91
CA TYR B 31 5.46 -29.57 21.46
C TYR B 31 6.65 -30.19 20.73
N ASP B 32 6.66 -31.51 20.64
CA ASP B 32 7.75 -32.30 20.02
C ASP B 32 9.04 -32.04 20.83
N GLY B 33 9.86 -31.13 20.31
CA GLY B 33 11.03 -30.58 21.03
C GLY B 33 11.19 -29.09 20.75
N ASP B 34 10.10 -28.41 20.35
CA ASP B 34 10.12 -27.03 19.84
C ASP B 34 8.77 -26.32 20.04
N SER B 35 8.84 -25.00 20.10
CA SER B 35 7.65 -24.15 20.23
C SER B 35 7.23 -23.68 18.84
N TYR B 36 6.01 -24.05 18.46
CA TYR B 36 5.45 -23.72 17.13
C TYR B 36 4.97 -22.28 17.02
N MET B 37 5.96 -21.39 17.09
CA MET B 37 5.77 -19.94 16.99
C MET B 37 6.69 -19.41 15.89
N ASN B 38 6.08 -18.67 14.98
CA ASN B 38 6.79 -18.06 13.85
C ASN B 38 6.57 -16.54 13.84
N TRP B 39 7.57 -15.83 13.34
CA TRP B 39 7.50 -14.37 13.09
C TRP B 39 7.59 -14.11 11.59
N TYR B 40 6.72 -13.21 11.14
CA TYR B 40 6.65 -12.76 9.74
C TYR B 40 6.79 -11.24 9.66
N GLN B 41 7.42 -10.80 8.59
CA GLN B 41 7.58 -9.38 8.26
C GLN B 41 6.77 -9.08 6.99
N GLN B 42 5.92 -8.07 7.10
CA GLN B 42 5.10 -7.63 5.96
C GLN B 42 5.30 -6.14 5.68
N LYS B 43 6.01 -5.90 4.59
CA LYS B 43 6.20 -4.54 4.04
C LYS B 43 4.96 -4.10 3.24
N PRO B 44 4.72 -2.78 3.14
CA PRO B 44 3.56 -2.21 2.42
C PRO B 44 3.42 -2.78 1.01
N GLY B 45 2.20 -3.27 0.74
CA GLY B 45 1.81 -3.85 -0.56
C GLY B 45 2.51 -5.18 -0.92
N GLN B 46 3.16 -5.78 0.08
CA GLN B 46 3.83 -7.08 -0.09
C GLN B 46 3.18 -8.19 0.75
N PRO B 47 3.28 -9.43 0.26
CA PRO B 47 2.92 -10.62 1.05
C PRO B 47 3.94 -10.80 2.20
N PRO B 48 3.49 -11.34 3.34
CA PRO B 48 4.36 -11.59 4.50
C PRO B 48 5.52 -12.51 4.14
N LYS B 49 6.63 -12.31 4.84
CA LYS B 49 7.84 -13.13 4.71
C LYS B 49 8.33 -13.59 6.08
N LEU B 50 8.57 -14.89 6.17
CA LEU B 50 8.99 -15.53 7.42
C LEU B 50 10.40 -15.04 7.81
N LEU B 51 10.54 -14.80 9.11
CA LEU B 51 11.82 -14.43 9.73
C LEU B 51 12.28 -15.57 10.67
N ILE B 52 11.43 -15.91 11.61
CA ILE B 52 11.79 -16.95 12.61
C ILE B 52 10.72 -18.01 12.57
N TYR B 53 11.14 -19.26 12.73
CA TYR B 53 10.24 -20.38 13.05
C TYR B 53 10.82 -21.17 14.23
N ALA B 54 10.01 -22.06 14.80
CA ALA B 54 10.38 -22.84 16.00
C ALA B 54 10.82 -21.90 17.14
N ALA B 55 10.21 -20.71 17.17
CA ALA B 55 10.45 -19.61 18.14
C ALA B 55 11.80 -18.89 18.02
N SER B 56 12.85 -19.59 17.62
CA SER B 56 14.23 -19.04 17.63
C SER B 56 15.12 -19.40 16.43
N ASN B 57 14.61 -20.21 15.51
CA ASN B 57 15.37 -20.59 14.31
C ASN B 57 15.12 -19.60 13.18
N LEU B 58 16.23 -19.01 12.76
CA LEU B 58 16.29 -18.08 11.63
C LEU B 58 16.07 -18.81 10.28
N GLU B 59 15.16 -18.32 9.45
CA GLU B 59 15.02 -18.77 8.05
C GLU B 59 16.31 -18.44 7.27
N SER B 60 16.75 -19.32 6.39
CA SER B 60 17.92 -19.02 5.53
C SER B 60 17.69 -17.72 4.72
N GLY B 61 18.67 -16.82 4.81
CA GLY B 61 18.58 -15.51 4.12
C GLY B 61 18.37 -14.35 5.11
N ILE B 62 17.86 -14.68 6.29
CA ILE B 62 17.61 -13.63 7.28
C ILE B 62 18.86 -13.31 8.11
N PRO B 63 19.14 -12.02 8.24
CA PRO B 63 20.32 -11.52 8.97
C PRO B 63 20.27 -11.93 10.46
N VAL B 64 21.46 -11.99 11.05
CA VAL B 64 21.65 -12.27 12.49
C VAL B 64 20.94 -11.25 13.39
N ARG B 65 20.82 -10.02 12.90
CA ARG B 65 20.24 -8.90 13.65
C ARG B 65 18.76 -9.11 14.01
N PHE B 66 18.12 -10.09 13.36
CA PHE B 66 16.76 -10.55 13.70
C PHE B 66 16.90 -11.77 14.60
N SER B 67 16.49 -11.63 15.85
CA SER B 67 16.60 -12.74 16.82
C SER B 67 15.26 -13.00 17.50
N GLY B 68 14.88 -14.28 17.49
CA GLY B 68 13.66 -14.76 18.15
C GLY B 68 14.03 -15.56 19.40
N SER B 69 13.34 -15.24 20.48
CA SER B 69 13.55 -15.89 21.79
C SER B 69 12.20 -16.18 22.45
N GLY B 70 12.24 -17.13 23.38
CA GLY B 70 11.06 -17.49 24.17
C GLY B 70 10.65 -18.95 24.02
N SER B 71 9.81 -19.35 24.96
CA SER B 71 9.29 -20.72 25.09
C SER B 71 8.03 -20.68 25.97
N GLY B 72 7.14 -21.64 25.71
CA GLY B 72 5.84 -21.74 26.42
C GLY B 72 4.85 -20.68 25.92
N THR B 73 4.77 -19.58 26.66
CA THR B 73 3.77 -18.52 26.38
C THR B 73 4.36 -17.14 26.06
N ASP B 74 5.63 -16.94 26.44
CA ASP B 74 6.31 -15.64 26.26
C ASP B 74 7.41 -15.74 25.21
N PHE B 75 7.21 -14.95 24.16
CA PHE B 75 8.13 -14.89 23.00
C PHE B 75 8.44 -13.44 22.67
N THR B 76 9.60 -13.25 22.05
CA THR B 76 10.10 -11.92 21.66
C THR B 76 10.89 -11.99 20.35
N LEU B 77 10.74 -10.91 19.58
CA LEU B 77 11.54 -10.67 18.38
C LEU B 77 12.34 -9.37 18.60
N ASN B 78 13.65 -9.50 18.42
CA ASN B 78 14.57 -8.38 18.59
C ASN B 78 15.28 -8.07 17.27
N ILE B 79 15.35 -6.78 16.97
CA ILE B 79 16.02 -6.26 15.77
C ILE B 79 17.09 -5.25 16.20
N HIS B 80 18.35 -5.62 15.99
CA HIS B 80 19.49 -4.68 16.13
C HIS B 80 19.69 -3.94 14.77
N PRO B 81 20.85 -3.33 14.45
CA PRO B 81 20.92 -2.10 13.64
C PRO B 81 19.68 -1.83 12.78
N VAL B 82 18.63 -1.32 13.44
CA VAL B 82 17.37 -0.99 12.76
C VAL B 82 17.69 0.05 11.68
N GLU B 83 17.09 -0.17 10.53
CA GLU B 83 17.18 0.75 9.39
C GLU B 83 15.80 0.95 8.76
N GLU B 84 15.70 1.93 7.88
CA GLU B 84 14.48 2.24 7.10
C GLU B 84 13.94 1.01 6.37
N GLU B 85 14.87 0.15 5.96
CA GLU B 85 14.59 -1.14 5.30
C GLU B 85 13.65 -2.03 6.14
N ASP B 86 13.72 -1.87 7.46
CA ASP B 86 12.93 -2.69 8.41
C ASP B 86 11.49 -2.17 8.65
N ALA B 87 11.17 -1.03 8.06
CA ALA B 87 9.82 -0.41 8.18
C ALA B 87 8.75 -1.34 7.60
N ALA B 88 8.00 -1.94 8.51
CA ALA B 88 6.96 -2.94 8.20
C ALA B 88 6.18 -3.28 9.47
N THR B 89 5.24 -4.21 9.30
CA THR B 89 4.46 -4.76 10.42
C THR B 89 4.91 -6.20 10.64
N TYR B 90 5.22 -6.50 11.90
CA TYR B 90 5.73 -7.82 12.29
C TYR B 90 4.64 -8.58 13.03
N TYR B 91 4.34 -9.76 12.52
CA TYR B 91 3.30 -10.63 13.08
C TYR B 91 3.94 -11.91 13.63
N CYS B 92 3.41 -12.37 14.74
CA CYS B 92 3.73 -13.70 15.26
C CYS B 92 2.51 -14.59 15.03
N GLN B 93 2.78 -15.86 14.76
CA GLN B 93 1.74 -16.84 14.46
C GLN B 93 2.07 -18.16 15.16
N GLN B 94 1.04 -18.72 15.77
CA GLN B 94 1.17 -20.00 16.46
C GLN B 94 0.62 -21.10 15.56
N SER B 95 1.37 -22.17 15.55
CA SER B 95 1.06 -23.35 14.75
C SER B 95 0.98 -24.64 15.56
N ASN B 96 0.69 -24.45 16.85
CA ASN B 96 0.61 -25.55 17.82
C ASN B 96 -0.71 -26.31 17.69
N GLU B 97 -1.81 -25.58 17.81
CA GLU B 97 -3.14 -26.17 17.68
C GLU B 97 -4.02 -25.29 16.78
N ASP B 98 -4.58 -25.94 15.78
CA ASP B 98 -5.55 -25.31 14.87
C ASP B 98 -6.76 -24.74 15.64
N PRO B 99 -7.33 -23.63 15.14
CA PRO B 99 -6.86 -22.92 13.93
C PRO B 99 -5.58 -22.14 14.22
N PHE B 100 -4.69 -22.10 13.23
CA PHE B 100 -3.50 -21.23 13.30
C PHE B 100 -3.98 -19.78 13.43
N THR B 101 -3.33 -19.05 14.32
CA THR B 101 -3.73 -17.68 14.65
C THR B 101 -2.53 -16.73 14.60
N PHE B 102 -2.79 -15.50 14.19
CA PHE B 102 -1.79 -14.43 14.14
C PHE B 102 -2.05 -13.40 15.25
N GLY B 103 -0.95 -12.83 15.74
CA GLY B 103 -1.02 -11.64 16.61
C GLY B 103 -1.55 -10.46 15.78
N SER B 104 -1.96 -9.40 16.48
CA SER B 104 -2.46 -8.18 15.81
C SER B 104 -1.35 -7.47 14.98
N GLY B 105 -0.10 -7.77 15.32
CA GLY B 105 1.07 -7.18 14.63
C GLY B 105 1.60 -5.96 15.38
N THR B 106 2.88 -5.73 15.15
CA THR B 106 3.61 -4.57 15.69
C THR B 106 4.21 -3.80 14.51
N LYS B 107 3.70 -2.59 14.32
CA LYS B 107 4.16 -1.70 13.24
C LYS B 107 5.44 -0.96 13.67
N LEU B 108 6.52 -1.29 12.99
CA LEU B 108 7.82 -0.63 13.20
C LEU B 108 7.96 0.58 12.26
N GLU B 109 8.07 1.72 12.91
CA GLU B 109 8.28 3.02 12.23
C GLU B 109 9.61 3.56 12.75
N ILE B 110 10.28 4.28 11.87
CA ILE B 110 11.58 4.87 12.20
C ILE B 110 11.43 6.38 12.46
N GLU B 111 12.26 6.84 13.38
CA GLU B 111 12.37 8.27 13.69
C GLU B 111 13.59 8.83 12.94
N ARG B 112 13.52 10.11 12.67
CA ARG B 112 14.59 10.84 11.95
C ARG B 112 14.49 12.34 12.27
N ALA B 113 15.45 13.09 11.74
CA ALA B 113 15.46 14.55 11.89
C ALA B 113 14.18 15.13 11.26
N ASP B 114 13.59 16.11 11.93
CA ASP B 114 12.44 16.83 11.36
C ASP B 114 12.86 17.47 10.02
N ALA B 115 11.96 17.36 9.06
CA ALA B 115 12.18 17.90 7.70
C ALA B 115 10.94 18.66 7.23
N ALA B 116 11.18 19.91 6.84
CA ALA B 116 10.13 20.75 6.24
C ALA B 116 9.72 20.17 4.87
N PRO B 117 8.42 20.19 4.57
CA PRO B 117 7.92 19.71 3.27
C PRO B 117 8.35 20.66 2.14
N THR B 118 8.62 20.06 0.99
CA THR B 118 8.82 20.82 -0.26
C THR B 118 7.43 20.92 -0.91
N VAL B 119 6.92 22.14 -0.96
CA VAL B 119 5.52 22.36 -1.39
C VAL B 119 5.49 22.89 -2.83
N SER B 120 4.67 22.24 -3.64
CA SER B 120 4.45 22.65 -5.04
C SER B 120 2.93 22.73 -5.29
N ILE B 121 2.51 23.79 -5.96
CA ILE B 121 1.09 23.99 -6.32
C ILE B 121 0.93 23.93 -7.84
N PHE B 122 -0.16 23.30 -8.26
CA PHE B 122 -0.46 23.09 -9.68
C PHE B 122 -1.87 23.57 -9.99
N PRO B 123 -1.97 24.60 -10.86
CA PRO B 123 -3.26 25.06 -11.41
C PRO B 123 -3.92 23.91 -12.17
N PRO B 124 -5.25 23.95 -12.35
CA PRO B 124 -5.99 22.98 -13.16
C PRO B 124 -5.39 22.93 -14.56
N SER B 125 -5.30 21.72 -15.11
CA SER B 125 -4.78 21.51 -16.47
C SER B 125 -5.80 22.06 -17.50
N SER B 126 -5.28 22.42 -18.67
CA SER B 126 -6.11 22.90 -19.79
C SER B 126 -7.14 21.83 -20.20
N GLU B 127 -6.69 20.57 -20.16
CA GLU B 127 -7.51 19.39 -20.48
C GLU B 127 -8.72 19.25 -19.55
N GLN B 128 -8.48 19.38 -18.24
CA GLN B 128 -9.56 19.27 -17.24
C GLN B 128 -10.57 20.42 -17.37
N LEU B 129 -10.02 21.60 -17.63
CA LEU B 129 -10.81 22.83 -17.85
C LEU B 129 -11.73 22.75 -19.07
N THR B 130 -11.30 22.03 -20.10
CA THR B 130 -12.10 21.82 -21.32
C THR B 130 -13.46 21.18 -20.97
N SER B 131 -13.42 20.23 -20.05
CA SER B 131 -14.66 19.69 -19.45
C SER B 131 -15.19 20.69 -18.39
N GLY B 132 -16.01 20.23 -17.44
CA GLY B 132 -16.59 21.14 -16.42
C GLY B 132 -15.86 21.09 -15.06
N GLY B 133 -14.62 20.58 -15.07
CA GLY B 133 -13.85 20.32 -13.84
C GLY B 133 -12.63 21.25 -13.71
N ALA B 134 -12.20 21.41 -12.47
CA ALA B 134 -11.04 22.23 -12.10
C ALA B 134 -10.49 21.81 -10.73
N SER B 135 -9.42 21.03 -10.77
CA SER B 135 -8.74 20.56 -9.55
C SER B 135 -7.39 21.27 -9.40
N VAL B 136 -7.16 21.75 -8.19
CA VAL B 136 -5.92 22.43 -7.82
C VAL B 136 -5.18 21.48 -6.87
N VAL B 137 -3.94 21.16 -7.22
CA VAL B 137 -3.16 20.17 -6.47
C VAL B 137 -1.94 20.83 -5.80
N CYS B 138 -1.68 20.40 -4.57
CA CYS B 138 -0.44 20.71 -3.85
C CYS B 138 0.22 19.42 -3.35
N PHE B 139 1.51 19.32 -3.66
CA PHE B 139 2.37 18.23 -3.17
C PHE B 139 3.25 18.73 -2.02
N LEU B 140 3.20 17.95 -0.94
CA LEU B 140 3.98 18.25 0.26
C LEU B 140 4.94 17.08 0.43
N ASN B 141 6.13 17.26 -0.13
CA ASN B 141 7.07 16.13 -0.28
C ASN B 141 8.22 16.14 0.71
N ASN B 142 8.56 14.91 1.11
CA ASN B 142 9.74 14.57 1.92
C ASN B 142 9.83 15.38 3.22
N PHE B 143 8.84 15.18 4.08
CA PHE B 143 8.79 15.85 5.38
C PHE B 143 8.70 14.82 6.52
N TYR B 144 8.93 15.34 7.72
CA TYR B 144 8.86 14.57 8.97
C TYR B 144 8.77 15.54 10.15
N PRO B 145 7.95 15.22 11.16
CA PRO B 145 7.10 14.01 11.26
C PRO B 145 5.92 14.00 10.27
N LYS B 146 5.17 12.91 10.31
CA LYS B 146 4.00 12.71 9.43
C LYS B 146 2.86 13.72 9.68
N ASP B 147 2.73 14.15 10.94
CA ASP B 147 1.72 15.15 11.35
C ASP B 147 1.91 16.46 10.58
N ILE B 148 0.92 16.77 9.75
CA ILE B 148 0.91 18.01 8.96
C ILE B 148 -0.55 18.42 8.68
N ASN B 149 -0.74 19.72 8.55
CA ASN B 149 -2.05 20.29 8.20
C ASN B 149 -1.93 21.15 6.93
N VAL B 150 -2.90 20.94 6.04
CA VAL B 150 -3.02 21.76 4.81
C VAL B 150 -4.37 22.48 4.86
N LYS B 151 -4.29 23.78 4.55
CA LYS B 151 -5.47 24.64 4.44
C LYS B 151 -5.48 25.28 3.05
N TRP B 152 -6.63 25.16 2.39
CA TRP B 152 -6.85 25.81 1.09
C TRP B 152 -7.60 27.12 1.27
N LYS B 153 -7.12 28.11 0.53
CA LYS B 153 -7.73 29.45 0.51
C LYS B 153 -8.00 29.90 -0.93
N ILE B 154 -9.21 30.43 -1.11
CA ILE B 154 -9.67 30.98 -2.40
C ILE B 154 -9.99 32.46 -2.16
N ASP B 155 -9.22 33.32 -2.82
CA ASP B 155 -9.27 34.78 -2.63
C ASP B 155 -9.07 35.22 -1.17
N GLY B 156 -8.34 34.38 -0.42
CA GLY B 156 -7.98 34.67 0.98
C GLY B 156 -8.86 33.99 2.04
N SER B 157 -9.91 33.28 1.61
CA SER B 157 -10.83 32.62 2.55
C SER B 157 -10.72 31.10 2.44
N GLU B 158 -10.69 30.46 3.59
CA GLU B 158 -10.58 28.99 3.69
C GLU B 158 -11.74 28.29 2.96
N ARG B 159 -11.35 27.18 2.34
CA ARG B 159 -12.27 26.27 1.64
C ARG B 159 -12.03 24.86 2.14
N GLN B 160 -13.04 24.32 2.81
CA GLN B 160 -12.90 23.01 3.47
C GLN B 160 -13.47 21.82 2.70
N ASN B 161 -14.52 22.07 1.93
CA ASN B 161 -15.13 21.00 1.13
C ASN B 161 -14.45 20.88 -0.25
N GLY B 162 -14.43 19.65 -0.77
CA GLY B 162 -13.90 19.34 -2.12
C GLY B 162 -12.38 19.13 -2.12
N VAL B 163 -11.83 18.81 -0.96
CA VAL B 163 -10.40 18.51 -0.77
C VAL B 163 -10.24 17.03 -0.42
N LEU B 164 -9.29 16.43 -1.10
CA LEU B 164 -8.89 15.03 -0.90
C LEU B 164 -7.39 15.03 -0.59
N ASN B 165 -7.07 14.41 0.54
CA ASN B 165 -5.67 14.28 1.00
C ASN B 165 -5.27 12.80 1.04
N SER B 166 -4.01 12.57 0.72
CA SER B 166 -3.42 11.22 0.74
C SER B 166 -1.94 11.29 1.15
N TRP B 167 -1.59 10.42 2.08
CA TRP B 167 -0.21 10.26 2.58
C TRP B 167 0.40 8.97 2.04
N THR B 168 1.64 9.10 1.61
CA THR B 168 2.47 7.95 1.22
C THR B 168 2.87 7.16 2.46
N ASP B 169 3.23 5.90 2.26
CA ASP B 169 3.88 5.10 3.32
C ASP B 169 5.22 5.77 3.66
N GLN B 170 5.72 5.53 4.87
CA GLN B 170 7.04 6.06 5.25
C GLN B 170 8.06 5.57 4.23
N ASP B 171 8.93 6.49 3.80
CA ASP B 171 9.88 6.17 2.73
C ASP B 171 10.80 5.04 3.20
N SER B 172 10.93 4.04 2.33
CA SER B 172 11.76 2.84 2.60
C SER B 172 13.26 3.13 2.72
N LYS B 173 13.67 4.32 2.26
CA LYS B 173 15.08 4.72 2.27
C LYS B 173 15.44 5.84 3.26
N ASP B 174 14.74 6.96 3.21
CA ASP B 174 15.06 8.10 4.08
C ASP B 174 14.06 8.34 5.22
N SER B 175 13.01 7.51 5.30
CA SER B 175 12.04 7.56 6.42
C SER B 175 11.18 8.83 6.50
N THR B 176 11.04 9.50 5.36
CA THR B 176 10.21 10.71 5.29
C THR B 176 8.80 10.33 4.82
N TYR B 177 7.91 11.30 4.92
CA TYR B 177 6.53 11.19 4.43
C TYR B 177 6.25 12.26 3.38
N SER B 178 5.39 11.89 2.45
CA SER B 178 4.88 12.82 1.42
C SER B 178 3.36 12.73 1.42
N MET B 179 2.73 13.83 1.01
CA MET B 179 1.26 13.91 0.98
C MET B 179 0.81 14.80 -0.18
N SER B 180 -0.35 14.47 -0.70
CA SER B 180 -0.99 15.23 -1.79
C SER B 180 -2.35 15.73 -1.31
N SER B 181 -2.61 16.98 -1.66
CA SER B 181 -3.89 17.65 -1.32
C SER B 181 -4.51 18.20 -2.61
N THR B 182 -5.68 17.68 -2.94
CA THR B 182 -6.40 18.07 -4.17
C THR B 182 -7.71 18.76 -3.79
N LEU B 183 -7.84 19.98 -4.30
CA LEU B 183 -9.05 20.80 -4.17
C LEU B 183 -9.78 20.82 -5.51
N THR B 184 -10.92 20.15 -5.55
CA THR B 184 -11.77 20.08 -6.74
C THR B 184 -12.95 21.04 -6.60
N LEU B 185 -13.02 21.89 -7.61
CA LEU B 185 -14.08 22.90 -7.78
C LEU B 185 -14.70 22.70 -9.16
N THR B 186 -15.86 23.31 -9.36
CA THR B 186 -16.45 23.42 -10.71
C THR B 186 -15.59 24.41 -11.50
N LYS B 187 -15.63 24.29 -12.83
CA LYS B 187 -14.94 25.24 -13.74
C LYS B 187 -15.38 26.69 -13.48
N ASP B 188 -16.68 26.84 -13.17
CA ASP B 188 -17.28 28.14 -12.85
C ASP B 188 -16.77 28.75 -11.55
N GLU B 189 -16.66 27.93 -10.50
CA GLU B 189 -16.12 28.38 -9.21
C GLU B 189 -14.66 28.85 -9.35
N TYR B 190 -13.90 28.05 -10.10
CA TYR B 190 -12.48 28.33 -10.37
C TYR B 190 -12.25 29.64 -11.12
N GLU B 191 -13.04 29.86 -12.17
CA GLU B 191 -12.92 31.07 -12.99
C GLU B 191 -13.54 32.32 -12.34
N ARG B 192 -14.39 32.09 -11.33
CA ARG B 192 -15.05 33.16 -10.57
C ARG B 192 -14.09 33.84 -9.58
N HIS B 193 -13.05 33.11 -9.17
CA HIS B 193 -12.05 33.59 -8.22
C HIS B 193 -10.67 33.70 -8.89
N ASN B 194 -9.75 34.32 -8.17
CA ASN B 194 -8.41 34.61 -8.73
C ASN B 194 -7.24 33.97 -7.98
N SER B 195 -7.24 34.12 -6.66
CA SER B 195 -6.11 33.65 -5.83
C SER B 195 -6.40 32.28 -5.21
N TYR B 196 -5.46 31.38 -5.44
CA TYR B 196 -5.50 30.01 -4.92
C TYR B 196 -4.18 29.68 -4.22
N THR B 197 -4.30 29.23 -2.99
CA THR B 197 -3.13 28.98 -2.12
C THR B 197 -3.42 27.79 -1.20
N CYS B 198 -2.38 26.99 -0.99
CA CYS B 198 -2.39 25.93 0.04
C CYS B 198 -1.32 26.27 1.08
N GLU B 199 -1.75 26.22 2.34
CA GLU B 199 -0.89 26.56 3.47
C GLU B 199 -0.62 25.29 4.28
N ALA B 200 0.66 25.00 4.41
CA ALA B 200 1.14 23.81 5.15
C ALA B 200 1.67 24.21 6.52
N THR B 201 0.97 23.72 7.54
CA THR B 201 1.33 23.93 8.95
C THR B 201 2.02 22.66 9.44
N HIS B 202 3.30 22.83 9.76
CA HIS B 202 4.15 21.73 10.23
C HIS B 202 5.04 22.28 11.35
N LYS B 203 5.40 21.40 12.29
CA LYS B 203 6.21 21.79 13.45
C LYS B 203 7.60 22.36 13.12
N THR B 204 8.05 22.07 11.91
CA THR B 204 9.33 22.58 11.38
C THR B 204 9.39 24.11 11.24
N SER B 205 8.22 24.76 11.19
CA SER B 205 8.15 26.22 11.08
C SER B 205 7.06 26.81 11.98
N THR B 206 7.38 27.95 12.57
CA THR B 206 6.44 28.74 13.39
C THR B 206 5.28 29.29 12.55
N SER B 207 5.59 29.57 11.29
CA SER B 207 4.62 30.06 10.29
C SER B 207 4.46 29.02 9.17
N PRO B 208 3.24 28.83 8.65
CA PRO B 208 2.96 27.84 7.59
C PRO B 208 3.69 28.21 6.29
N ILE B 209 4.11 27.17 5.56
CA ILE B 209 4.65 27.34 4.20
C ILE B 209 3.45 27.63 3.29
N VAL B 210 3.60 28.67 2.48
CA VAL B 210 2.52 29.10 1.57
C VAL B 210 3.02 29.06 0.12
N LYS B 211 2.24 28.34 -0.68
CA LYS B 211 2.38 28.34 -2.14
C LYS B 211 1.04 28.75 -2.75
N SER B 212 1.14 29.63 -3.75
CA SER B 212 -0.04 30.29 -4.33
C SER B 212 0.24 30.75 -5.76
N PHE B 213 -0.85 30.90 -6.49
CA PHE B 213 -0.85 31.50 -7.82
C PHE B 213 -2.16 32.30 -8.03
N ASN B 214 -2.08 33.25 -8.95
CA ASN B 214 -3.26 34.03 -9.36
C ASN B 214 -3.59 33.65 -10.80
N ARG B 215 -4.87 33.34 -11.03
CA ARG B 215 -5.33 32.98 -12.38
C ARG B 215 -5.01 34.05 -13.44
#